data_7WLX
#
_entry.id   7WLX
#
_cell.length_a   105.898
_cell.length_b   105.898
_cell.length_c   57.105
_cell.angle_alpha   90.000
_cell.angle_beta   90.000
_cell.angle_gamma   90.000
#
_symmetry.space_group_name_H-M   'P 43 21 2'
#
loop_
_entity.id
_entity.type
_entity.pdbx_description
1 polymer 'Isoform Beta-2 of Thyroid hormone receptor beta'
2 polymer 'Nuclear receptor coactivator 2'
3 non-polymer '2-[[1-methoxy-4-oxidanyl-7-[4-(phenylmethyl)phenoxy]isoquinolin-3-yl]carbonylamino]ethanoic acid'
4 water water
#
loop_
_entity_poly.entity_id
_entity_poly.type
_entity_poly.pdbx_seq_one_letter_code
_entity_poly.pdbx_strand_id
1 'polypeptide(L)'
;EELQKSIGHKPEPTDEEWELIKTVTEAHVATNAQGSHWKQKRKFLPEDIGQAPIVNAPEGGKVDLEAFSHFTKIITPAIT
RVVDFAKKLPMFCELPCEDQIILLKGCCMEIMSLRAAVRYDPESETLTLNGEMAVTRGQLKNGGLGVVSDAIFDLGMSLS
SFNLDDTEVALLQAVLLMSSDRPGLACVERIEKYQDSFLLAFEHYINYRKHHVTHFWPKLLMKVTDLRMIGACHASRFLH
MKVECPTELFPPLFLEVFED
;
A
2 'polypeptide(L)' ENALLRYLLDK B
#
loop_
_chem_comp.id
_chem_comp.type
_chem_comp.name
_chem_comp.formula
9GC non-polymer '2-[[1-methoxy-4-oxidanyl-7-[4-(phenylmethyl)phenoxy]isoquinolin-3-yl]carbonylamino]ethanoic acid' 'C26 H22 N2 O6'
#
# COMPACT_ATOMS: atom_id res chain seq x y z
N LYS A 10 9.79 -25.36 11.52
CA LYS A 10 9.43 -24.05 10.92
C LYS A 10 10.59 -23.08 11.10
N PRO A 11 11.39 -22.79 10.05
CA PRO A 11 12.55 -21.92 10.19
C PRO A 11 12.11 -20.50 10.55
N GLU A 12 12.88 -19.85 11.42
CA GLU A 12 12.63 -18.49 11.93
C GLU A 12 13.65 -17.57 11.26
N PRO A 13 13.55 -16.24 11.44
CA PRO A 13 14.44 -15.34 10.73
C PRO A 13 15.92 -15.55 11.10
N THR A 14 16.75 -15.69 10.06
CA THR A 14 18.22 -15.66 10.20
C THR A 14 18.63 -14.26 10.68
N ASP A 15 19.89 -14.08 11.04
CA ASP A 15 20.42 -12.78 11.55
C ASP A 15 20.19 -11.69 10.50
N GLU A 16 20.51 -11.95 9.23
CA GLU A 16 20.43 -10.92 8.16
C GLU A 16 18.95 -10.59 7.86
N GLU A 17 18.04 -11.55 8.10
CA GLU A 17 16.58 -11.34 7.91
C GLU A 17 16.01 -10.52 9.07
N TRP A 18 16.48 -10.74 10.30
CA TRP A 18 16.15 -9.83 11.43
C TRP A 18 16.58 -8.40 11.07
N GLU A 19 17.70 -8.25 10.36
CA GLU A 19 18.22 -6.92 9.98
C GLU A 19 17.30 -6.29 8.94
N LEU A 20 17.03 -7.01 7.86
CA LEU A 20 16.13 -6.57 6.77
C LEU A 20 14.74 -6.26 7.36
N ILE A 21 14.26 -7.10 8.27
CA ILE A 21 12.98 -6.86 9.01
C ILE A 21 13.05 -5.53 9.76
N LYS A 22 14.17 -5.24 10.45
CA LYS A 22 14.37 -3.96 11.19
C LYS A 22 14.20 -2.82 10.19
N THR A 23 14.92 -2.91 9.06
CA THR A 23 14.98 -1.83 8.04
C THR A 23 13.59 -1.55 7.48
N VAL A 24 12.89 -2.60 7.06
CA VAL A 24 11.61 -2.43 6.33
C VAL A 24 10.56 -2.00 7.34
N THR A 25 10.56 -2.53 8.57
CA THR A 25 9.61 -2.08 9.62
C THR A 25 9.81 -0.59 9.87
N GLU A 26 11.05 -0.14 10.00
CA GLU A 26 11.35 1.28 10.31
C GLU A 26 10.89 2.19 9.18
N ALA A 27 11.11 1.79 7.93
CA ALA A 27 10.69 2.55 6.74
C ALA A 27 9.17 2.72 6.80
N HIS A 28 8.47 1.67 7.16
CA HIS A 28 6.98 1.69 7.25
C HIS A 28 6.57 2.63 8.38
N VAL A 29 7.15 2.45 9.57
CA VAL A 29 6.69 3.20 10.78
C VAL A 29 6.92 4.70 10.58
N ALA A 30 8.01 5.10 9.91
CA ALA A 30 8.43 6.50 9.72
C ALA A 30 7.52 7.20 8.69
N THR A 31 6.82 6.44 7.83
CA THR A 31 6.02 6.99 6.69
C THR A 31 4.56 6.57 6.84
N ASN A 32 4.18 6.03 7.99
CA ASN A 32 2.78 5.62 8.23
C ASN A 32 2.14 6.71 9.08
N ALA A 33 1.08 7.34 8.57
CA ALA A 33 0.42 8.52 9.16
C ALA A 33 -0.14 8.21 10.56
N GLN A 34 0.22 9.02 11.55
CA GLN A 34 -0.27 8.95 12.96
C GLN A 34 -0.18 7.50 13.46
N GLY A 35 1.03 6.93 13.50
CA GLY A 35 1.24 5.52 13.89
C GLY A 35 0.76 5.24 15.30
N SER A 36 -0.27 4.39 15.43
CA SER A 36 -0.86 3.92 16.72
C SER A 36 -1.57 5.05 17.51
N HIS A 37 -1.86 6.19 16.87
CA HIS A 37 -2.68 7.28 17.46
C HIS A 37 -3.61 7.84 16.38
N TRP A 38 -4.10 6.95 15.52
CA TRP A 38 -4.96 7.29 14.35
C TRP A 38 -6.44 7.25 14.74
N LYS A 39 -6.79 6.61 15.86
CA LYS A 39 -8.22 6.35 16.21
C LYS A 39 -8.78 7.45 17.11
N GLN A 40 -7.98 7.98 18.04
CA GLN A 40 -8.41 9.10 18.93
C GLN A 40 -8.33 10.39 18.11
N LYS A 41 -7.22 10.57 17.38
CA LYS A 41 -7.12 11.63 16.34
C LYS A 41 -7.81 11.09 15.09
N ARG A 42 -9.14 11.03 15.09
CA ARG A 42 -9.91 10.55 13.92
C ARG A 42 -11.20 11.36 13.77
N LYS A 43 -11.38 11.99 12.61
CA LYS A 43 -12.59 12.75 12.26
C LYS A 43 -13.41 11.94 11.25
N PHE A 44 -14.70 12.24 11.14
CA PHE A 44 -15.61 11.60 10.16
C PHE A 44 -16.03 12.67 9.15
N LEU A 45 -16.34 12.25 7.92
CA LEU A 45 -16.80 13.17 6.85
C LEU A 45 -18.31 13.29 6.94
N PRO A 46 -18.92 14.41 6.49
CA PRO A 46 -20.37 14.52 6.38
C PRO A 46 -21.13 13.19 6.33
N ASP A 64 -20.99 12.00 -7.14
CA ASP A 64 -20.92 13.49 -7.08
C ASP A 64 -19.45 13.89 -7.25
N LEU A 65 -19.17 14.82 -8.17
CA LEU A 65 -17.78 15.28 -8.44
C LEU A 65 -17.34 16.20 -7.30
N GLU A 66 -18.11 16.24 -6.22
CA GLU A 66 -17.81 17.06 -5.01
C GLU A 66 -17.27 16.12 -3.92
N ALA A 67 -17.83 14.92 -3.81
CA ALA A 67 -17.25 13.85 -2.96
C ALA A 67 -15.90 13.50 -3.56
N PHE A 68 -15.82 13.38 -4.89
CA PHE A 68 -14.51 13.16 -5.56
C PHE A 68 -13.58 14.33 -5.21
N SER A 69 -14.08 15.56 -5.24
CA SER A 69 -13.27 16.75 -4.91
C SER A 69 -12.65 16.60 -3.52
N HIS A 70 -13.46 16.27 -2.52
CA HIS A 70 -12.97 16.09 -1.12
C HIS A 70 -11.94 14.97 -1.10
N PHE A 71 -12.06 14.00 -2.00
CA PHE A 71 -11.15 12.82 -2.03
C PHE A 71 -9.84 13.18 -2.71
N THR A 72 -9.88 13.87 -3.85
CA THR A 72 -8.64 14.21 -4.58
C THR A 72 -7.77 15.21 -3.81
N LYS A 73 -8.34 16.09 -2.99
CA LYS A 73 -7.49 17.07 -2.25
C LYS A 73 -6.71 16.33 -1.14
N ILE A 74 -7.00 15.06 -0.85
CA ILE A 74 -6.35 14.37 0.30
C ILE A 74 -5.53 13.15 -0.15
N ILE A 75 -5.61 12.75 -1.41
CA ILE A 75 -4.81 11.58 -1.86
C ILE A 75 -3.31 11.97 -1.94
N THR A 76 -3.00 13.20 -2.30
CA THR A 76 -1.59 13.60 -2.59
C THR A 76 -0.64 13.21 -1.47
N PRO A 77 -0.95 13.50 -0.18
CA PRO A 77 -0.05 13.09 0.90
C PRO A 77 0.01 11.56 1.09
N ALA A 78 -1.03 10.82 0.70
CA ALA A 78 -1.02 9.33 0.86
C ALA A 78 -0.02 8.77 -0.16
N ILE A 79 -0.04 9.28 -1.38
CA ILE A 79 0.96 8.93 -2.44
C ILE A 79 2.37 9.31 -1.96
N THR A 80 2.51 10.50 -1.38
CA THR A 80 3.83 11.04 -0.95
C THR A 80 4.44 10.09 0.08
N ARG A 81 3.61 9.56 0.98
CA ARG A 81 4.13 8.65 2.02
C ARG A 81 4.63 7.34 1.40
N VAL A 82 4.01 6.88 0.32
CA VAL A 82 4.41 5.58 -0.29
C VAL A 82 5.78 5.82 -0.90
N VAL A 83 5.94 6.96 -1.59
CA VAL A 83 7.23 7.33 -2.22
C VAL A 83 8.29 7.33 -1.11
N ASP A 84 7.98 8.00 0.01
CA ASP A 84 8.87 8.15 1.17
C ASP A 84 9.27 6.77 1.70
N PHE A 85 8.32 5.83 1.75
CA PHE A 85 8.59 4.45 2.24
C PHE A 85 9.59 3.75 1.32
N ALA A 86 9.36 3.80 0.02
CA ALA A 86 10.24 3.17 -0.99
C ALA A 86 11.66 3.73 -0.85
N LYS A 87 11.79 5.06 -0.71
CA LYS A 87 13.11 5.74 -0.64
C LYS A 87 13.86 5.34 0.63
N LYS A 88 13.20 4.82 1.67
CA LYS A 88 13.92 4.35 2.88
C LYS A 88 14.33 2.88 2.74
N LEU A 89 14.11 2.28 1.57
CA LEU A 89 14.59 0.91 1.24
C LEU A 89 15.83 1.04 0.35
N PRO A 90 17.03 0.72 0.87
CA PRO A 90 18.27 0.82 0.10
C PRO A 90 18.18 0.01 -1.20
N MET A 91 17.52 -1.15 -1.13
CA MET A 91 17.28 -2.03 -2.31
C MET A 91 16.56 -1.23 -3.39
N PHE A 92 15.54 -0.46 -3.02
CA PHE A 92 14.77 0.39 -3.96
C PHE A 92 15.71 1.48 -4.50
N CYS A 93 16.46 2.13 -3.61
CA CYS A 93 17.33 3.29 -4.00
C CYS A 93 18.41 2.89 -5.00
N GLU A 94 18.84 1.62 -5.00
CA GLU A 94 19.87 1.11 -5.95
C GLU A 94 19.31 1.00 -7.38
N LEU A 95 18.00 0.93 -7.56
CA LEU A 95 17.40 0.78 -8.90
C LEU A 95 17.50 2.09 -9.66
N PRO A 96 17.56 2.02 -11.02
CA PRO A 96 17.55 3.22 -11.84
C PRO A 96 16.18 3.90 -11.76
N CYS A 97 16.19 5.23 -11.86
CA CYS A 97 15.00 6.08 -11.63
C CYS A 97 13.81 5.62 -12.49
N GLU A 98 14.04 5.09 -13.71
CA GLU A 98 12.93 4.70 -14.60
C GLU A 98 12.24 3.45 -14.05
N ASP A 99 13.01 2.53 -13.47
CA ASP A 99 12.47 1.36 -12.73
C ASP A 99 11.72 1.86 -11.48
N GLN A 100 12.27 2.86 -10.77
CA GLN A 100 11.73 3.31 -9.46
C GLN A 100 10.31 3.84 -9.70
N ILE A 101 10.19 4.64 -10.76
CA ILE A 101 8.92 5.28 -11.21
C ILE A 101 7.93 4.17 -11.53
N ILE A 102 8.32 3.20 -12.36
CA ILE A 102 7.41 2.09 -12.77
C ILE A 102 6.90 1.31 -11.54
N LEU A 103 7.78 0.93 -10.61
CA LEU A 103 7.42 0.15 -9.39
C LEU A 103 6.41 0.96 -8.55
N LEU A 104 6.58 2.28 -8.48
CA LEU A 104 5.73 3.11 -7.59
C LEU A 104 4.36 3.26 -8.18
N LYS A 105 4.29 3.52 -9.48
CA LYS A 105 3.05 3.47 -10.28
C LYS A 105 2.31 2.16 -10.01
N GLY A 106 3.02 1.03 -9.98
CA GLY A 106 2.37 -0.29 -9.85
C GLY A 106 1.79 -0.53 -8.47
N CYS A 107 2.41 0.00 -7.41
CA CYS A 107 2.16 -0.53 -6.03
C CYS A 107 1.54 0.54 -5.15
N CYS A 108 1.41 1.75 -5.66
CA CYS A 108 1.00 2.91 -4.85
C CYS A 108 -0.41 2.74 -4.27
N MET A 109 -1.39 2.36 -5.08
CA MET A 109 -2.81 2.20 -4.64
C MET A 109 -2.92 0.92 -3.82
N GLU A 110 -2.09 -0.08 -4.13
CA GLU A 110 -2.07 -1.36 -3.40
C GLU A 110 -1.65 -1.05 -1.97
N ILE A 111 -0.64 -0.21 -1.80
CA ILE A 111 -0.09 0.08 -0.45
C ILE A 111 -1.03 1.02 0.31
N MET A 112 -1.51 2.11 -0.30
CA MET A 112 -2.50 3.01 0.37
C MET A 112 -3.73 2.17 0.75
N SER A 113 -4.03 1.13 -0.03
CA SER A 113 -5.23 0.31 0.20
C SER A 113 -4.97 -0.60 1.40
N LEU A 114 -3.80 -1.23 1.44
CA LEU A 114 -3.39 -2.06 2.60
C LEU A 114 -3.37 -1.18 3.84
N ARG A 115 -2.79 0.01 3.74
CA ARG A 115 -2.62 0.88 4.93
C ARG A 115 -4.00 1.30 5.45
N ALA A 116 -4.96 1.47 4.56
CA ALA A 116 -6.34 1.84 4.93
C ALA A 116 -7.06 0.59 5.50
N ALA A 117 -6.83 -0.58 4.91
CA ALA A 117 -7.56 -1.82 5.28
C ALA A 117 -7.14 -2.30 6.67
N VAL A 118 -5.87 -2.17 7.03
CA VAL A 118 -5.43 -2.61 8.40
C VAL A 118 -6.01 -1.68 9.47
N ARG A 119 -6.63 -0.57 9.11
CA ARG A 119 -7.24 0.38 10.09
C ARG A 119 -8.76 0.29 9.95
N TYR A 120 -9.27 -0.88 9.59
CA TYR A 120 -10.73 -1.08 9.59
C TYR A 120 -11.19 -1.11 11.06
N ASP A 121 -12.15 -0.24 11.39
CA ASP A 121 -12.85 -0.25 12.70
C ASP A 121 -14.17 -0.97 12.54
N PRO A 122 -14.34 -2.20 13.11
CA PRO A 122 -15.59 -2.96 12.98
C PRO A 122 -16.78 -2.27 13.66
N GLU A 123 -16.50 -1.45 14.68
CA GLU A 123 -17.52 -0.75 15.48
C GLU A 123 -18.24 0.31 14.61
N SER A 124 -17.50 1.27 14.06
CA SER A 124 -18.00 2.36 13.17
C SER A 124 -18.12 1.88 11.72
N GLU A 125 -17.54 0.72 11.38
CA GLU A 125 -17.48 0.14 10.01
C GLU A 125 -16.80 1.15 9.09
N THR A 126 -15.65 1.67 9.52
CA THR A 126 -14.90 2.67 8.74
C THR A 126 -13.49 2.16 8.47
N LEU A 127 -12.86 2.68 7.41
CA LEU A 127 -11.40 2.68 7.24
C LEU A 127 -10.89 4.07 7.56
N THR A 128 -9.60 4.18 7.83
CA THR A 128 -8.95 5.49 8.10
C THR A 128 -7.98 5.85 7.00
N LEU A 129 -8.18 7.04 6.41
CA LEU A 129 -7.26 7.64 5.41
C LEU A 129 -6.41 8.72 6.06
N ASN A 130 -5.12 8.78 5.70
CA ASN A 130 -4.12 9.76 6.21
C ASN A 130 -4.11 9.76 7.74
N GLY A 131 -4.51 8.65 8.35
CA GLY A 131 -4.34 8.45 9.80
C GLY A 131 -5.31 9.26 10.63
N GLU A 132 -6.19 10.08 10.02
CA GLU A 132 -7.21 10.84 10.79
C GLU A 132 -8.60 10.79 10.14
N MET A 133 -8.77 10.48 8.86
CA MET A 133 -10.13 10.58 8.25
C MET A 133 -10.79 9.21 8.10
N ALA A 134 -11.85 8.99 8.89
CA ALA A 134 -12.75 7.80 8.85
C ALA A 134 -13.72 7.97 7.70
N VAL A 135 -13.81 6.95 6.85
CA VAL A 135 -14.79 6.88 5.73
C VAL A 135 -15.50 5.55 5.79
N THR A 136 -16.74 5.56 5.33
CA THR A 136 -17.58 4.34 5.26
C THR A 136 -17.43 3.77 3.85
N ARG A 137 -18.00 2.59 3.69
CA ARG A 137 -18.11 1.91 2.37
C ARG A 137 -18.80 2.85 1.37
N GLY A 138 -19.97 3.39 1.75
CA GLY A 138 -20.79 4.31 0.93
C GLY A 138 -20.02 5.55 0.53
N GLN A 139 -19.27 6.14 1.46
CA GLN A 139 -18.52 7.39 1.19
C GLN A 139 -17.49 7.08 0.10
N LEU A 140 -16.58 6.13 0.35
CA LEU A 140 -15.51 5.74 -0.62
C LEU A 140 -16.14 5.42 -1.98
N LYS A 141 -17.27 4.73 -2.00
CA LYS A 141 -17.95 4.35 -3.27
C LYS A 141 -18.38 5.60 -4.04
N ASN A 142 -19.09 6.51 -3.36
CA ASN A 142 -19.56 7.81 -3.91
C ASN A 142 -18.36 8.68 -4.32
N GLY A 143 -17.22 8.53 -3.64
CA GLY A 143 -15.96 9.22 -3.96
C GLY A 143 -15.39 8.78 -5.30
N GLY A 144 -15.97 7.77 -5.93
CA GLY A 144 -15.56 7.33 -7.28
C GLY A 144 -14.75 6.04 -7.29
N LEU A 145 -14.61 5.33 -6.17
CA LEU A 145 -13.83 4.06 -6.19
C LEU A 145 -14.64 2.92 -6.80
N GLY A 146 -15.97 3.02 -6.78
CA GLY A 146 -16.87 1.95 -7.26
C GLY A 146 -16.65 0.66 -6.48
N VAL A 147 -16.59 -0.46 -7.19
CA VAL A 147 -16.48 -1.82 -6.58
C VAL A 147 -15.16 -1.96 -5.80
N VAL A 148 -14.11 -1.26 -6.22
CA VAL A 148 -12.81 -1.26 -5.48
C VAL A 148 -13.09 -0.92 -4.01
N SER A 149 -14.10 -0.08 -3.74
CA SER A 149 -14.45 0.29 -2.35
C SER A 149 -14.86 -0.96 -1.58
N ASP A 150 -15.74 -1.77 -2.16
CA ASP A 150 -16.21 -3.03 -1.54
C ASP A 150 -15.02 -3.96 -1.32
N ALA A 151 -14.06 -4.02 -2.25
CA ALA A 151 -12.88 -4.93 -2.15
C ALA A 151 -11.98 -4.49 -1.00
N ILE A 152 -11.78 -3.19 -0.84
CA ILE A 152 -10.85 -2.67 0.22
C ILE A 152 -11.49 -2.95 1.59
N PHE A 153 -12.80 -2.75 1.71
CA PHE A 153 -13.55 -2.99 2.98
C PHE A 153 -13.60 -4.48 3.30
N ASP A 154 -13.86 -5.36 2.33
CA ASP A 154 -13.85 -6.82 2.58
C ASP A 154 -12.45 -7.25 3.01
N LEU A 155 -11.42 -6.72 2.36
CA LEU A 155 -10.02 -7.02 2.75
C LEU A 155 -9.80 -6.61 4.22
N GLY A 156 -10.20 -5.39 4.61
CA GLY A 156 -10.09 -4.88 6.00
C GLY A 156 -10.78 -5.79 7.00
N MET A 157 -12.00 -6.20 6.71
CA MET A 157 -12.79 -7.09 7.61
C MET A 157 -12.05 -8.42 7.78
N SER A 158 -11.49 -8.96 6.71
CA SER A 158 -10.84 -10.30 6.77
C SER A 158 -9.47 -10.19 7.46
N LEU A 159 -8.90 -8.99 7.54
CA LEU A 159 -7.57 -8.74 8.15
C LEU A 159 -7.67 -8.49 9.66
N SER A 160 -8.86 -8.26 10.21
CA SER A 160 -9.04 -8.02 11.67
C SER A 160 -8.58 -9.25 12.44
N SER A 161 -8.90 -10.44 11.94
CA SER A 161 -8.52 -11.70 12.62
C SER A 161 -7.07 -12.06 12.34
N PHE A 162 -6.36 -11.32 11.47
CA PHE A 162 -4.95 -11.64 11.13
C PHE A 162 -4.01 -10.94 12.13
N ASN A 163 -4.47 -9.86 12.77
CA ASN A 163 -3.68 -9.15 13.80
C ASN A 163 -2.28 -8.85 13.26
N LEU A 164 -2.22 -8.24 12.08
CA LEU A 164 -0.94 -7.87 11.42
C LEU A 164 -0.27 -6.78 12.24
N ASP A 165 1.01 -6.96 12.56
CA ASP A 165 1.82 -5.93 13.25
C ASP A 165 2.47 -5.05 12.19
N ASP A 166 3.14 -3.98 12.64
CA ASP A 166 3.92 -3.03 11.80
C ASP A 166 4.84 -3.83 10.87
N THR A 167 5.41 -4.95 11.34
CA THR A 167 6.45 -5.65 10.56
C THR A 167 5.80 -6.39 9.40
N GLU A 168 4.73 -7.12 9.69
CA GLU A 168 3.99 -7.91 8.67
C GLU A 168 3.42 -6.96 7.62
N VAL A 169 2.90 -5.79 8.02
CA VAL A 169 2.40 -4.76 7.07
C VAL A 169 3.57 -4.25 6.24
N ALA A 170 4.68 -3.87 6.86
CA ALA A 170 5.84 -3.35 6.12
C ALA A 170 6.30 -4.39 5.07
N LEU A 171 6.37 -5.65 5.46
CA LEU A 171 6.88 -6.73 4.58
C LEU A 171 5.90 -6.96 3.42
N LEU A 172 4.59 -6.98 3.67
CA LEU A 172 3.60 -7.04 2.56
C LEU A 172 3.90 -5.88 1.59
N GLN A 173 4.05 -4.69 2.15
CA GLN A 173 4.32 -3.50 1.30
C GLN A 173 5.57 -3.76 0.42
N ALA A 174 6.64 -4.31 0.98
CA ALA A 174 7.94 -4.48 0.25
C ALA A 174 7.75 -5.49 -0.88
N VAL A 175 7.03 -6.57 -0.57
CA VAL A 175 6.63 -7.60 -1.57
C VAL A 175 5.88 -6.94 -2.75
N LEU A 176 4.86 -6.12 -2.47
CA LEU A 176 4.08 -5.43 -3.53
C LEU A 176 5.00 -4.49 -4.30
N LEU A 177 5.84 -3.72 -3.61
CA LEU A 177 6.76 -2.78 -4.29
C LEU A 177 7.68 -3.53 -5.25
N MET A 178 8.31 -4.63 -4.81
CA MET A 178 9.32 -5.33 -5.64
C MET A 178 8.62 -6.34 -6.55
N SER A 179 7.75 -5.86 -7.43
CA SER A 179 6.98 -6.70 -8.39
C SER A 179 7.74 -6.74 -9.71
N SER A 180 8.45 -7.84 -10.00
CA SER A 180 9.30 -7.92 -11.22
C SER A 180 8.46 -7.84 -12.50
N ASP A 181 7.14 -7.97 -12.41
CA ASP A 181 6.31 -8.23 -13.61
C ASP A 181 5.66 -6.95 -14.11
N ARG A 182 5.89 -5.79 -13.47
CA ARG A 182 5.35 -4.50 -14.00
C ARG A 182 5.96 -4.28 -15.40
N PRO A 183 5.17 -3.80 -16.38
CA PRO A 183 5.66 -3.63 -17.74
C PRO A 183 6.73 -2.53 -17.89
N GLY A 184 7.77 -2.81 -18.68
CA GLY A 184 8.77 -1.84 -19.13
C GLY A 184 9.94 -1.73 -18.16
N LEU A 185 10.04 -2.66 -17.20
CA LEU A 185 11.15 -2.66 -16.20
C LEU A 185 12.41 -3.12 -16.92
N ALA A 186 13.57 -2.57 -16.55
CA ALA A 186 14.89 -2.97 -17.09
C ALA A 186 15.54 -4.05 -16.22
N CYS A 187 15.39 -3.99 -14.89
CA CYS A 187 16.17 -4.83 -13.94
C CYS A 187 15.23 -5.89 -13.32
N VAL A 188 14.49 -6.57 -14.23
CA VAL A 188 13.46 -7.59 -13.89
C VAL A 188 14.05 -8.58 -12.88
N GLU A 189 15.27 -9.04 -13.15
CA GLU A 189 15.94 -10.14 -12.41
C GLU A 189 16.26 -9.66 -10.98
N ARG A 190 16.93 -8.52 -10.89
CA ARG A 190 17.35 -7.89 -9.59
C ARG A 190 16.12 -7.61 -8.71
N ILE A 191 15.05 -7.07 -9.29
CA ILE A 191 13.82 -6.74 -8.52
C ILE A 191 13.22 -8.05 -8.01
N GLU A 192 13.28 -9.07 -8.86
CA GLU A 192 12.81 -10.43 -8.48
C GLU A 192 13.62 -10.94 -7.29
N LYS A 193 14.95 -10.74 -7.27
CA LYS A 193 15.75 -11.25 -6.13
C LYS A 193 15.39 -10.52 -4.84
N TYR A 194 15.22 -9.20 -4.90
CA TYR A 194 14.74 -8.41 -3.73
C TYR A 194 13.42 -8.95 -3.21
N GLN A 195 12.47 -9.21 -4.11
CA GLN A 195 11.14 -9.74 -3.72
C GLN A 195 11.35 -11.06 -2.97
N ASP A 196 12.15 -11.97 -3.54
CA ASP A 196 12.47 -13.29 -2.94
C ASP A 196 13.06 -13.13 -1.54
N SER A 197 14.04 -12.23 -1.35
CA SER A 197 14.61 -11.97 0.00
C SER A 197 13.49 -11.56 0.98
N PHE A 198 12.60 -10.67 0.56
CA PHE A 198 11.52 -10.16 1.44
C PHE A 198 10.54 -11.29 1.76
N LEU A 199 10.22 -12.12 0.76
CA LEU A 199 9.21 -13.21 0.91
C LEU A 199 9.74 -14.26 1.89
N LEU A 200 11.04 -14.54 1.84
CA LEU A 200 11.66 -15.55 2.73
C LEU A 200 11.69 -15.01 4.17
N ALA A 201 12.17 -13.78 4.36
CA ALA A 201 12.24 -13.15 5.70
C ALA A 201 10.84 -13.08 6.30
N PHE A 202 9.87 -12.73 5.46
CA PHE A 202 8.44 -12.54 5.84
C PHE A 202 7.85 -13.87 6.29
N GLU A 203 8.04 -14.91 5.50
CA GLU A 203 7.55 -16.26 5.87
C GLU A 203 8.24 -16.69 7.18
N HIS A 204 9.56 -16.46 7.32
CA HIS A 204 10.32 -16.84 8.55
C HIS A 204 9.77 -16.07 9.75
N TYR A 205 9.48 -14.77 9.61
CA TYR A 205 8.90 -13.93 10.68
C TYR A 205 7.53 -14.50 11.07
N ILE A 206 6.77 -14.94 10.07
CA ILE A 206 5.38 -15.48 10.25
C ILE A 206 5.48 -16.78 11.06
N ASN A 207 6.47 -17.62 10.76
CA ASN A 207 6.81 -18.87 11.49
C ASN A 207 7.06 -18.53 12.96
N TYR A 208 7.93 -17.56 13.19
CA TYR A 208 8.28 -17.04 14.55
C TYR A 208 7.03 -16.56 15.30
N ARG A 209 6.08 -15.88 14.64
CA ARG A 209 4.95 -15.18 15.33
C ARG A 209 3.83 -16.15 15.70
N LYS A 210 3.83 -17.35 15.12
CA LYS A 210 2.85 -18.40 15.49
C LYS A 210 1.47 -17.77 15.72
N HIS A 211 0.91 -17.13 14.70
CA HIS A 211 -0.50 -16.68 14.64
C HIS A 211 -1.47 -17.86 14.88
N HIS A 212 -2.62 -17.59 15.49
CA HIS A 212 -3.66 -18.60 15.84
C HIS A 212 -4.68 -18.66 14.72
N VAL A 213 -4.17 -18.84 13.50
CA VAL A 213 -4.97 -18.87 12.24
C VAL A 213 -4.34 -19.96 11.38
N THR A 214 -5.12 -20.99 11.07
CA THR A 214 -4.67 -22.18 10.29
C THR A 214 -4.13 -21.71 8.93
N HIS A 215 -3.01 -22.29 8.49
CA HIS A 215 -2.46 -22.08 7.13
C HIS A 215 -2.17 -20.58 6.92
N PHE A 216 -1.52 -19.93 7.87
CA PHE A 216 -1.45 -18.45 7.89
C PHE A 216 -0.79 -17.94 6.61
N TRP A 217 0.31 -18.57 6.22
CA TRP A 217 1.19 -18.04 5.15
C TRP A 217 0.47 -18.17 3.81
N PRO A 218 -0.06 -19.36 3.44
CA PRO A 218 -0.90 -19.44 2.25
C PRO A 218 -2.00 -18.38 2.23
N LYS A 219 -2.64 -18.11 3.38
CA LYS A 219 -3.76 -17.12 3.43
C LYS A 219 -3.20 -15.73 3.16
N LEU A 220 -1.98 -15.44 3.64
CA LEU A 220 -1.33 -14.13 3.41
C LEU A 220 -0.98 -13.98 1.94
N LEU A 221 -0.49 -15.05 1.29
CA LEU A 221 -0.17 -14.92 -0.16
C LEU A 221 -1.45 -14.57 -0.93
N MET A 222 -2.61 -15.01 -0.46
CA MET A 222 -3.90 -14.73 -1.15
C MET A 222 -4.29 -13.27 -0.90
N LYS A 223 -3.89 -12.68 0.24
CA LYS A 223 -4.14 -11.25 0.51
C LYS A 223 -3.27 -10.40 -0.43
N VAL A 224 -2.06 -10.84 -0.73
CA VAL A 224 -1.20 -10.15 -1.73
C VAL A 224 -1.97 -10.11 -3.05
N THR A 225 -2.49 -11.25 -3.50
CA THR A 225 -3.29 -11.34 -4.74
C THR A 225 -4.48 -10.36 -4.68
N ASP A 226 -5.24 -10.35 -3.59
CA ASP A 226 -6.38 -9.38 -3.42
C ASP A 226 -5.87 -7.95 -3.60
N LEU A 227 -4.72 -7.64 -3.03
CA LEU A 227 -4.19 -6.26 -3.14
C LEU A 227 -3.78 -6.01 -4.58
N ARG A 228 -3.23 -7.02 -5.27
CA ARG A 228 -2.80 -6.81 -6.67
C ARG A 228 -4.05 -6.57 -7.54
N MET A 229 -5.15 -7.29 -7.32
CA MET A 229 -6.43 -7.05 -8.06
C MET A 229 -6.95 -5.64 -7.75
N ILE A 230 -6.85 -5.20 -6.50
CA ILE A 230 -7.20 -3.79 -6.17
C ILE A 230 -6.33 -2.84 -6.98
N GLY A 231 -5.04 -3.14 -7.12
CA GLY A 231 -4.10 -2.30 -7.90
C GLY A 231 -4.46 -2.25 -9.38
N ALA A 232 -4.78 -3.39 -9.97
CA ALA A 232 -5.07 -3.50 -11.42
C ALA A 232 -6.48 -2.94 -11.69
N CYS A 233 -7.44 -3.13 -10.79
CA CYS A 233 -8.81 -2.56 -10.96
C CYS A 233 -8.76 -1.03 -10.79
N HIS A 234 -8.02 -0.52 -9.77
CA HIS A 234 -7.76 0.94 -9.59
C HIS A 234 -7.27 1.55 -10.90
N ALA A 235 -6.13 1.08 -11.43
CA ALA A 235 -5.54 1.59 -12.69
C ALA A 235 -6.57 1.49 -13.83
N SER A 236 -7.39 0.43 -13.87
CA SER A 236 -8.41 0.21 -14.93
C SER A 236 -9.45 1.31 -14.81
N ARG A 237 -9.88 1.59 -13.59
CA ARG A 237 -11.01 2.52 -13.33
C ARG A 237 -10.59 3.93 -13.75
N PHE A 238 -9.34 4.31 -13.48
CA PHE A 238 -8.76 5.62 -13.83
C PHE A 238 -8.90 5.86 -15.33
N LEU A 239 -8.51 4.87 -16.14
CA LEU A 239 -8.60 4.95 -17.64
C LEU A 239 -10.06 5.18 -18.05
N HIS A 240 -11.03 4.77 -17.22
CA HIS A 240 -12.48 4.83 -17.52
C HIS A 240 -13.11 6.14 -17.06
N MET A 241 -12.42 6.98 -16.28
CA MET A 241 -13.03 8.19 -15.65
C MET A 241 -12.61 9.47 -16.38
N LYS A 242 -12.16 9.36 -17.64
CA LYS A 242 -12.18 10.47 -18.63
C LYS A 242 -13.61 10.55 -19.21
N CYS A 245 -14.76 12.86 -17.12
CA CYS A 245 -14.34 13.86 -16.09
C CYS A 245 -12.98 14.44 -16.47
N PRO A 246 -12.86 15.79 -16.60
CA PRO A 246 -11.60 16.40 -17.01
C PRO A 246 -10.46 16.00 -16.05
N THR A 247 -9.27 15.71 -16.59
CA THR A 247 -8.10 15.24 -15.80
C THR A 247 -7.65 16.32 -14.80
N GLU A 248 -7.77 17.59 -15.18
CA GLU A 248 -7.31 18.73 -14.35
C GLU A 248 -8.04 18.75 -13.01
N LEU A 249 -9.22 18.14 -12.92
CA LEU A 249 -10.00 18.02 -11.67
C LEU A 249 -9.24 17.12 -10.71
N PHE A 250 -8.39 16.26 -11.25
CA PHE A 250 -7.62 15.27 -10.47
C PHE A 250 -6.23 15.85 -10.18
N PRO A 251 -5.65 15.58 -8.99
CA PRO A 251 -4.36 16.15 -8.63
C PRO A 251 -3.24 15.59 -9.51
N PRO A 252 -2.14 16.32 -9.76
CA PRO A 252 -1.09 15.84 -10.65
C PRO A 252 -0.42 14.51 -10.25
N LEU A 253 -0.01 14.37 -8.99
CA LEU A 253 0.67 13.13 -8.49
C LEU A 253 -0.27 11.94 -8.65
N PHE A 254 -1.59 12.16 -8.63
CA PHE A 254 -2.63 11.12 -8.80
C PHE A 254 -2.88 10.79 -10.27
N LEU A 255 -2.67 11.72 -11.19
CA LEU A 255 -2.80 11.36 -12.63
C LEU A 255 -1.47 10.74 -13.10
N GLU A 256 -0.37 10.97 -12.39
CA GLU A 256 0.92 10.32 -12.74
C GLU A 256 0.88 8.82 -12.38
N VAL A 257 0.51 8.47 -11.14
CA VAL A 257 0.50 7.05 -10.67
C VAL A 257 -0.84 6.39 -11.04
N PHE A 258 -1.66 7.08 -11.83
CA PHE A 258 -2.91 6.53 -12.40
C PHE A 258 -3.80 6.02 -11.25
N GLU B 1 6.95 14.06 -18.44
CA GLU B 1 5.89 13.08 -18.00
C GLU B 1 6.43 12.27 -16.83
N ASN B 2 5.65 12.16 -15.73
CA ASN B 2 6.16 11.70 -14.41
C ASN B 2 7.21 12.70 -13.92
N ALA B 3 7.04 13.97 -14.29
CA ALA B 3 7.99 15.07 -13.98
C ALA B 3 8.04 15.32 -12.46
N LEU B 4 6.91 15.11 -11.76
CA LEU B 4 6.80 15.37 -10.29
C LEU B 4 7.27 14.15 -9.49
N LEU B 5 6.88 12.94 -9.90
CA LEU B 5 7.46 11.68 -9.37
C LEU B 5 8.98 11.74 -9.47
N ARG B 6 9.50 12.08 -10.65
CA ARG B 6 10.97 12.12 -10.86
C ARG B 6 11.57 13.14 -9.90
N TYR B 7 10.93 14.31 -9.73
CA TYR B 7 11.42 15.33 -8.78
C TYR B 7 11.49 14.71 -7.37
N LEU B 8 10.36 14.17 -6.87
CA LEU B 8 10.30 13.61 -5.48
C LEU B 8 11.29 12.45 -5.33
N LEU B 9 11.51 11.67 -6.39
CA LEU B 9 12.43 10.50 -6.35
C LEU B 9 13.87 10.97 -6.16
N ASP B 10 14.42 11.82 -7.04
CA ASP B 10 15.86 12.23 -6.96
C ASP B 10 16.12 12.85 -5.59
N LYS B 11 15.28 13.81 -5.19
CA LYS B 11 15.18 14.31 -3.79
C LYS B 11 14.86 15.80 -3.80
C1 9GC C . -7.35 3.31 -0.49
C2 9GC C . -6.75 5.56 -0.06
C3 9GC C . -7.07 6.92 -0.29
C4 9GC C . -7.90 7.35 -1.36
C6 9GC C . -7.62 9.64 -0.63
C7 9GC C . -6.82 9.24 0.40
C8 9GC C . -6.52 7.88 0.60
C9 9GC C . -5.69 7.42 1.65
C11 9GC C . -4.58 5.54 2.93
C12 9GC C . -2.32 5.24 3.71
C13 9GC C . -2.23 5.64 5.17
C14 9GC C . -9.52 8.71 -3.61
C15 9GC C . -8.82 8.48 -4.77
C16 9GC C . -9.48 7.99 -5.89
C17 9GC C . -10.84 7.76 -5.87
C18 9GC C . -11.53 8.04 -4.69
C20 9GC C . -10.86 6.81 -8.31
C21 9GC C . -10.60 5.47 -8.54
C22 9GC C . -9.94 5.04 -9.68
C24 9GC C . -9.83 7.29 -10.44
C25 9GC C . -10.50 7.71 -9.30
O6 9GC C . -7.27 4.66 -0.92
C5 9GC C . -8.16 8.68 -1.50
C10 9GC C . -5.43 6.05 1.79
N1 9GC C . -5.96 5.16 0.95
O1 9GC C . -5.03 4.76 3.76
N2 9GC C . -3.32 5.96 2.96
O2 9GC C . -1.14 5.44 5.77
O3 9GC C . -3.24 6.17 5.68
O4 9GC C . -5.15 8.31 2.52
O5 9GC C . -8.95 9.26 -2.47
C19 9GC C . -10.88 8.51 -3.57
C27 9GC C . -11.62 7.25 -7.07
C23 9GC C . -9.55 5.96 -10.63
#